data_3G0R
#
_entry.id   3G0R
#
_cell.length_a   44.751
_cell.length_b   80.760
_cell.length_c   105.211
_cell.angle_alpha   90.00
_cell.angle_beta   94.03
_cell.angle_gamma   90.00
#
_symmetry.space_group_name_H-M   'P 1 21 1'
#
loop_
_entity.id
_entity.type
_entity.pdbx_description
1 polymer Exodeoxyribonuclease
2 polymer "5'-D(*GP*CP*TP*GP*CP*GP*CP*AP*GP*GP*GP*CP*G)-3'"
3 polymer "5'-D(*CP*CP*CP*TP*GP*UP*GP*CP*AP*GP*C)-3'"
4 non-polymer GLYCEROL
5 non-polymer 'TETRAETHYLENE GLYCOL'
6 non-polymer 'SODIUM ION'
7 water water
#
loop_
_entity_poly.entity_id
_entity_poly.type
_entity_poly.pdbx_seq_one_letter_code
_entity_poly.pdbx_strand_id
1 'polypeptide(L)'
;MAVLKIISWNVNGLRAVHRKGFLKWFMEEKPDILCLQEIKAAPEQLPRKLRHVEGYRSFFTPAERKGYSGVAMYTKVPPS
SLREGFGVERFDTEGRIQIADFDDFLLYNIYFPNGKMSEERLKYKLEFYDAFLEDVNRERDSGRNVIICGNFNTAHREID
LARPKENSNVSGFLPVERAWIDKFIENGYVDTFRMFNSDPGQYTWWSYRTRARERNVGWRLDYFFVNEEFKGKVKRSWIL
SDVMGSDHCPIGLEIELLEHHHHHH
;
A,B
2 'polydeoxyribonucleotide' (DG)(DC)(DT)(DG)(DC)(DG)(DC)(DA)(DG)(DG)(DG)(DC)(DG) G
3 'polydeoxyribonucleotide' (DC)(DC)(DC)(DT)(DG)(DU)(DG)(DC)(DA)(DG)(DC) K
#
loop_
_chem_comp.id
_chem_comp.type
_chem_comp.name
_chem_comp.formula
DA DNA linking 2'-DEOXYADENOSINE-5'-MONOPHOSPHATE 'C10 H14 N5 O6 P'
DC DNA linking 2'-DEOXYCYTIDINE-5'-MONOPHOSPHATE 'C9 H14 N3 O7 P'
DG DNA linking 2'-DEOXYGUANOSINE-5'-MONOPHOSPHATE 'C10 H14 N5 O7 P'
DT DNA linking THYMIDINE-5'-MONOPHOSPHATE 'C10 H15 N2 O8 P'
DU DNA linking 2'-DEOXYURIDINE-5'-MONOPHOSPHATE 'C9 H13 N2 O8 P'
GOL non-polymer GLYCEROL 'C3 H8 O3'
NA non-polymer 'SODIUM ION' 'Na 1'
PG4 non-polymer 'TETRAETHYLENE GLYCOL' 'C8 H18 O5'
#
# COMPACT_ATOMS: atom_id res chain seq x y z
N VAL A 3 19.73 34.30 19.92
CA VAL A 3 19.73 32.78 20.02
C VAL A 3 18.52 32.10 19.32
N LEU A 4 18.78 31.41 18.19
CA LEU A 4 17.75 30.62 17.55
C LEU A 4 17.92 29.11 17.74
N LYS A 5 16.79 28.42 17.98
CA LYS A 5 16.75 26.96 17.99
C LYS A 5 16.04 26.44 16.74
N ILE A 6 16.74 25.58 16.01
CA ILE A 6 16.22 24.88 14.85
C ILE A 6 16.21 23.39 15.20
N ILE A 7 15.08 22.73 14.91
CA ILE A 7 14.94 21.29 15.00
C ILE A 7 14.68 20.76 13.58
N SER A 8 15.27 19.61 13.30
CA SER A 8 15.11 18.90 12.06
C SER A 8 14.63 17.47 12.37
N TRP A 9 13.55 17.01 11.74
CA TRP A 9 13.01 15.69 12.03
C TRP A 9 12.48 15.05 10.78
N ASN A 10 13.03 13.89 10.42
CA ASN A 10 12.50 13.07 9.34
C ASN A 10 11.36 12.19 9.87
N VAL A 11 10.12 12.62 9.66
CA VAL A 11 8.97 12.11 10.46
C VAL A 11 8.35 10.79 9.93
N ASN A 12 8.63 10.45 8.68
CA ASN A 12 8.01 9.29 8.06
C ASN A 12 6.48 9.29 8.25
N GLY A 13 5.85 10.28 7.60
CA GLY A 13 4.42 10.48 7.75
C GLY A 13 4.09 11.54 8.78
N LEU A 14 3.68 12.72 8.29
CA LEU A 14 3.23 13.81 9.19
C LEU A 14 1.86 13.50 9.82
N ARG A 15 0.96 12.87 9.06
CA ARG A 15 -0.31 12.47 9.70
C ARG A 15 0.00 11.49 10.82
N ALA A 16 0.94 10.57 10.60
CA ALA A 16 1.18 9.52 11.62
C ALA A 16 1.74 10.09 12.90
N VAL A 17 2.69 10.99 12.76
CA VAL A 17 3.35 11.56 13.92
C VAL A 17 2.37 12.51 14.67
N HIS A 18 1.48 13.13 13.91
CA HIS A 18 0.30 13.80 14.44
C HIS A 18 -0.61 12.93 15.33
N ARG A 19 -0.96 11.74 14.87
CA ARG A 19 -1.74 10.80 15.71
C ARG A 19 -1.02 10.45 17.00
N LYS A 20 0.32 10.48 16.99
CA LYS A 20 1.09 10.12 18.19
C LYS A 20 1.49 11.27 19.13
N GLY A 21 1.04 12.50 18.89
CA GLY A 21 1.26 13.59 19.86
C GLY A 21 2.20 14.69 19.40
N PHE A 22 2.40 14.79 18.08
CA PHE A 22 3.35 15.73 17.46
C PHE A 22 3.17 17.18 17.91
N LEU A 23 1.94 17.66 17.89
CA LEU A 23 1.64 19.05 18.23
C LEU A 23 1.94 19.35 19.69
N LYS A 24 1.59 18.44 20.58
CA LYS A 24 1.96 18.62 21.99
C LYS A 24 3.51 18.68 22.14
N TRP A 25 4.23 17.74 21.52
CA TRP A 25 5.69 17.80 21.51
C TRP A 25 6.23 19.09 20.90
N PHE A 26 5.73 19.42 19.70
CA PHE A 26 6.11 20.65 18.98
C PHE A 26 5.99 21.87 19.87
N MET A 27 4.86 22.01 20.56
CA MET A 27 4.60 23.18 21.39
C MET A 27 5.42 23.18 22.67
N GLU A 28 5.86 22.00 23.13
CA GLU A 28 6.76 21.94 24.29
C GLU A 28 8.18 22.35 23.89
N GLU A 29 8.63 21.84 22.76
CA GLU A 29 9.97 22.12 22.27
C GLU A 29 10.11 23.55 21.78
N LYS A 30 9.01 24.09 21.24
CA LYS A 30 8.92 25.48 20.71
C LYS A 30 10.18 25.98 20.01
N PRO A 31 10.60 25.29 18.94
CA PRO A 31 11.79 25.81 18.28
C PRO A 31 11.43 27.07 17.51
N ASP A 32 12.43 27.89 17.20
CA ASP A 32 12.23 29.02 16.29
C ASP A 32 11.91 28.52 14.89
N ILE A 33 12.54 27.42 14.48
CA ILE A 33 12.27 26.79 13.19
C ILE A 33 12.23 25.29 13.36
N LEU A 34 11.21 24.68 12.78
CA LEU A 34 11.11 23.25 12.71
C LEU A 34 11.17 22.79 11.26
N CYS A 35 12.15 21.95 10.92
CA CYS A 35 12.25 21.40 9.58
C CYS A 35 11.87 19.94 9.61
N LEU A 36 11.05 19.51 8.65
CA LEU A 36 10.56 18.13 8.63
C LEU A 36 10.81 17.54 7.28
N GLN A 37 11.17 16.25 7.23
CA GLN A 37 11.38 15.60 5.95
C GLN A 37 10.55 14.31 5.93
N GLU A 38 10.28 13.83 4.73
CA GLU A 38 9.44 12.65 4.49
C GLU A 38 8.06 12.75 5.14
N ILE A 39 7.34 13.81 4.84
CA ILE A 39 6.03 14.07 5.48
C ILE A 39 4.93 13.16 4.95
N LYS A 40 5.14 12.62 3.74
CA LYS A 40 4.23 11.70 3.03
C LYS A 40 2.79 12.27 2.99
N ALA A 41 2.68 13.50 2.51
CA ALA A 41 1.41 14.27 2.49
C ALA A 41 1.54 15.50 1.59
N ALA A 42 0.51 15.77 0.80
CA ALA A 42 0.29 17.10 0.25
C ALA A 42 -0.46 17.90 1.34
N PRO A 43 -0.32 19.25 1.37
CA PRO A 43 -0.92 19.96 2.51
C PRO A 43 -2.46 19.91 2.55
N GLU A 44 -3.13 19.70 1.41
CA GLU A 44 -4.58 19.50 1.38
C GLU A 44 -5.02 18.31 2.24
N GLN A 45 -4.13 17.33 2.36
CA GLN A 45 -4.43 16.11 3.09
C GLN A 45 -4.26 16.27 4.59
N LEU A 46 -3.72 17.39 5.03
CA LEU A 46 -3.36 17.51 6.44
C LEU A 46 -4.52 17.99 7.27
N PRO A 47 -4.70 17.41 8.47
CA PRO A 47 -5.62 18.03 9.43
C PRO A 47 -5.37 19.53 9.47
N ARG A 48 -6.37 20.32 9.85
CA ARG A 48 -6.22 21.76 9.83
C ARG A 48 -5.25 22.30 10.84
N LYS A 49 -5.18 21.64 11.99
CA LYS A 49 -4.30 22.06 13.06
C LYS A 49 -2.81 21.85 12.76
N LEU A 50 -2.53 21.14 11.67
CA LEU A 50 -1.15 21.02 11.17
C LEU A 50 -0.80 22.13 10.18
N ARG A 51 -1.79 22.59 9.39
CA ARG A 51 -1.58 23.73 8.50
C ARG A 51 -1.56 25.12 9.21
N HIS A 52 -2.18 25.21 10.38
CA HIS A 52 -2.32 26.47 11.13
C HIS A 52 -1.88 26.30 12.59
N VAL A 53 -0.58 26.44 12.80
CA VAL A 53 0.02 26.31 14.10
C VAL A 53 0.27 27.70 14.68
N GLU A 54 -0.21 27.94 15.90
CA GLU A 54 -0.14 29.30 16.47
C GLU A 54 1.32 29.71 16.64
N GLY A 55 1.66 30.84 16.03
CA GLY A 55 2.96 31.46 16.18
C GLY A 55 3.96 31.09 15.11
N TYR A 56 3.49 30.41 14.05
CA TYR A 56 4.34 29.85 12.99
C TYR A 56 3.75 30.03 11.59
N ARG A 57 4.59 30.47 10.65
CA ARG A 57 4.31 30.32 9.24
C ARG A 57 4.73 28.90 8.89
N SER A 58 3.94 28.23 8.06
CA SER A 58 4.18 26.86 7.65
C SER A 58 4.34 26.82 6.15
N PHE A 59 5.19 25.91 5.68
CA PHE A 59 5.49 25.77 4.25
C PHE A 59 5.59 24.28 3.90
N PHE A 60 4.93 23.86 2.83
CA PHE A 60 4.86 22.47 2.48
C PHE A 60 5.30 22.32 1.06
N THR A 61 6.27 21.42 0.88
CA THR A 61 6.84 21.13 -0.41
C THR A 61 6.64 19.61 -0.69
N PRO A 62 5.44 19.25 -1.17
CA PRO A 62 5.11 17.86 -1.42
C PRO A 62 5.74 17.37 -2.72
N ALA A 63 5.90 16.04 -2.82
CA ALA A 63 6.33 15.39 -4.03
C ALA A 63 5.16 15.31 -5.02
N GLU A 64 5.46 15.07 -6.30
CA GLU A 64 4.42 14.82 -7.29
C GLU A 64 3.66 13.55 -6.96
N ARG A 65 4.40 12.49 -6.62
CA ARG A 65 3.85 11.23 -6.15
C ARG A 65 3.14 11.36 -4.77
N LYS A 66 1.87 10.95 -4.74
CA LYS A 66 1.02 10.93 -3.54
C LYS A 66 1.55 9.93 -2.47
N GLY A 67 1.59 10.36 -1.21
CA GLY A 67 2.07 9.52 -0.09
C GLY A 67 3.58 9.34 -0.01
N TYR A 68 4.30 10.13 -0.79
CA TYR A 68 5.73 9.92 -0.97
C TYR A 68 6.51 11.18 -0.57
N SER A 69 7.57 10.99 0.22
CA SER A 69 8.60 12.01 0.40
C SER A 69 7.98 13.30 0.92
N GLY A 70 8.47 14.46 0.51
CA GLY A 70 7.88 15.71 0.94
C GLY A 70 8.59 16.32 2.15
N VAL A 71 8.75 17.65 2.12
CA VAL A 71 9.41 18.39 3.21
C VAL A 71 8.49 19.50 3.71
N ALA A 72 8.61 19.86 4.96
CA ALA A 72 7.86 20.97 5.52
C ALA A 72 8.74 21.84 6.43
N MET A 73 8.32 23.09 6.65
CA MET A 73 9.01 24.02 7.54
C MET A 73 7.99 24.89 8.27
N TYR A 74 8.15 24.97 9.60
CA TYR A 74 7.42 25.89 10.41
C TYR A 74 8.42 26.89 10.92
N THR A 75 8.09 28.16 10.84
CA THR A 75 9.03 29.18 11.32
C THR A 75 8.26 30.31 11.98
N LYS A 76 8.67 30.72 13.18
CA LYS A 76 8.02 31.87 13.87
C LYS A 76 8.13 33.14 13.04
N VAL A 77 9.33 33.39 12.53
CA VAL A 77 9.62 34.52 11.63
C VAL A 77 9.74 34.06 10.18
N PRO A 78 8.89 34.58 9.28
CA PRO A 78 8.87 34.05 7.92
C PRO A 78 10.16 34.41 7.18
N PRO A 79 10.55 33.59 6.18
CA PRO A 79 11.75 33.89 5.42
C PRO A 79 11.44 34.90 4.31
N SER A 80 12.45 35.55 3.75
CA SER A 80 12.19 36.50 2.67
C SER A 80 11.87 35.81 1.35
N SER A 81 12.37 34.59 1.16
CA SER A 81 12.04 33.75 0.00
C SER A 81 12.22 32.26 0.34
N LEU A 82 11.62 31.40 -0.47
CA LEU A 82 11.74 29.97 -0.31
C LEU A 82 11.87 29.34 -1.70
N ARG A 83 13.04 28.79 -2.02
CA ARG A 83 13.23 27.96 -3.22
C ARG A 83 12.98 26.49 -2.89
N GLU A 84 12.46 25.78 -3.87
CA GLU A 84 12.03 24.40 -3.74
C GLU A 84 12.73 23.50 -4.79
N GLY A 85 13.87 23.95 -5.29
CA GLY A 85 14.66 23.13 -6.19
C GLY A 85 16.01 23.72 -6.50
N PHE A 86 16.84 22.92 -7.17
CA PHE A 86 18.16 23.32 -7.61
C PHE A 86 18.12 23.84 -9.05
N GLY A 87 16.97 23.72 -9.72
CA GLY A 87 16.80 24.07 -11.12
C GLY A 87 17.16 22.89 -12.00
N VAL A 88 16.97 21.68 -11.46
CA VAL A 88 17.12 20.46 -12.26
C VAL A 88 15.86 19.65 -12.01
N GLU A 89 15.08 19.40 -13.05
CA GLU A 89 13.71 19.00 -12.83
C GLU A 89 13.51 17.63 -12.15
N ARG A 90 14.36 16.66 -12.45
CA ARG A 90 14.23 15.34 -11.83
C ARG A 90 14.54 15.33 -10.34
N PHE A 91 15.30 16.33 -9.88
CA PHE A 91 15.64 16.49 -8.47
C PHE A 91 14.63 17.36 -7.75
N ASP A 92 13.86 18.12 -8.54
CA ASP A 92 13.01 19.20 -8.03
C ASP A 92 11.53 18.82 -7.88
N THR A 93 11.16 17.65 -8.35
CA THR A 93 9.73 17.23 -8.33
C THR A 93 9.40 16.24 -7.20
N GLU A 94 10.41 15.85 -6.42
CA GLU A 94 10.24 14.76 -5.46
C GLU A 94 9.95 15.19 -4.02
N GLY A 95 9.66 16.48 -3.81
CA GLY A 95 9.38 17.05 -2.49
C GLY A 95 10.57 16.97 -1.54
N ARG A 96 11.77 17.24 -2.05
CA ARG A 96 13.02 17.01 -1.31
C ARG A 96 13.76 18.26 -0.80
N ILE A 97 13.45 19.42 -1.40
CA ILE A 97 14.21 20.66 -1.25
C ILE A 97 13.41 21.87 -0.77
N GLN A 98 13.87 22.49 0.32
CA GLN A 98 13.38 23.81 0.72
C GLN A 98 14.59 24.65 1.07
N ILE A 99 14.78 25.77 0.37
CA ILE A 99 15.88 26.67 0.72
C ILE A 99 15.31 28.00 1.14
N ALA A 100 15.39 28.27 2.44
CA ALA A 100 14.69 29.41 3.03
C ALA A 100 15.67 30.53 3.30
N ASP A 101 15.39 31.73 2.79
CA ASP A 101 16.29 32.86 3.05
C ASP A 101 15.90 33.59 4.32
N PHE A 102 16.70 33.40 5.36
CA PHE A 102 16.48 34.08 6.63
C PHE A 102 17.39 35.30 6.83
N ASP A 103 17.93 35.82 5.73
CA ASP A 103 18.76 37.02 5.74
C ASP A 103 20.10 36.87 6.50
N ASP A 104 20.07 36.53 7.79
CA ASP A 104 21.30 36.13 8.52
C ASP A 104 21.94 34.82 8.04
N PHE A 105 21.16 34.01 7.33
CA PHE A 105 21.64 32.74 6.76
C PHE A 105 20.58 32.17 5.83
N LEU A 106 21.00 31.28 4.95
CA LEU A 106 20.11 30.41 4.19
C LEU A 106 19.96 29.10 4.94
N LEU A 107 18.72 28.61 5.05
CA LEU A 107 18.47 27.25 5.56
C LEU A 107 18.00 26.30 4.46
N TYR A 108 18.82 25.27 4.26
CA TYR A 108 18.54 24.10 3.43
C TYR A 108 17.89 23.03 4.30
N ASN A 109 16.65 22.73 3.96
CA ASN A 109 15.90 21.63 4.55
C ASN A 109 15.78 20.59 3.47
N ILE A 110 16.62 19.57 3.52
CA ILE A 110 16.73 18.64 2.41
C ILE A 110 16.39 17.20 2.84
N TYR A 111 15.59 16.52 2.03
CA TYR A 111 15.42 15.07 2.20
C TYR A 111 16.24 14.38 1.11
N PHE A 112 17.44 13.90 1.43
CA PHE A 112 18.30 13.28 0.42
C PHE A 112 17.84 11.87 0.09
N PRO A 113 17.98 11.45 -1.18
CA PRO A 113 17.38 10.17 -1.57
C PRO A 113 17.91 8.93 -0.88
N ASN A 114 17.01 7.98 -0.63
CA ASN A 114 17.40 6.64 -0.25
C ASN A 114 17.98 5.96 -1.49
N GLY A 115 19.16 5.38 -1.34
CA GLY A 115 19.78 4.79 -2.52
C GLY A 115 19.91 3.28 -2.45
N LYS A 116 19.19 2.64 -1.55
CA LYS A 116 19.40 1.22 -1.37
C LYS A 116 18.43 0.33 -2.12
N MET A 117 17.33 0.89 -2.60
CA MET A 117 16.44 0.08 -3.45
C MET A 117 17.24 -0.41 -4.69
N SER A 118 17.50 0.48 -5.65
CA SER A 118 18.07 0.05 -6.92
C SER A 118 19.40 0.71 -7.23
N GLU A 119 20.01 0.26 -8.33
CA GLU A 119 21.18 0.91 -8.90
C GLU A 119 20.82 2.29 -9.45
N GLU A 120 19.60 2.38 -9.99
CA GLU A 120 19.05 3.61 -10.53
C GLU A 120 18.88 4.70 -9.45
N ARG A 121 18.45 4.27 -8.26
CA ARG A 121 18.21 5.20 -7.16
C ARG A 121 19.47 5.59 -6.42
N LEU A 122 20.47 4.71 -6.41
CA LEU A 122 21.80 5.04 -5.89
C LEU A 122 22.43 6.10 -6.81
N LYS A 123 22.29 5.94 -8.11
CA LYS A 123 22.79 6.91 -9.08
C LYS A 123 22.13 8.29 -8.84
N TYR A 124 20.80 8.28 -8.67
CA TYR A 124 19.98 9.46 -8.41
C TYR A 124 20.47 10.17 -7.13
N LYS A 125 20.67 9.40 -6.07
CA LYS A 125 21.17 9.91 -4.79
C LYS A 125 22.50 10.64 -4.97
N LEU A 126 23.46 10.00 -5.62
CA LEU A 126 24.78 10.58 -5.74
C LEU A 126 24.75 11.82 -6.64
N GLU A 127 23.92 11.77 -7.68
CA GLU A 127 23.78 12.95 -8.56
C GLU A 127 22.96 14.07 -7.92
N PHE A 128 22.06 13.72 -7.00
CA PHE A 128 21.32 14.68 -6.19
C PHE A 128 22.32 15.36 -5.25
N TYR A 129 23.27 14.58 -4.75
CA TYR A 129 24.38 15.05 -3.90
C TYR A 129 25.24 16.06 -4.69
N ASP A 130 25.51 15.76 -5.96
CA ASP A 130 26.33 16.63 -6.81
C ASP A 130 25.66 18.00 -7.07
N ALA A 131 24.38 17.93 -7.43
CA ALA A 131 23.53 19.10 -7.60
C ALA A 131 23.44 19.95 -6.31
N PHE A 132 23.34 19.30 -5.17
CA PHE A 132 23.23 20.01 -3.91
C PHE A 132 24.49 20.77 -3.60
N LEU A 133 25.64 20.09 -3.67
CA LEU A 133 26.96 20.71 -3.38
C LEU A 133 27.23 21.93 -4.26
N GLU A 134 26.90 21.79 -5.54
CA GLU A 134 27.04 22.87 -6.50
C GLU A 134 26.16 24.09 -6.13
N ASP A 135 24.92 23.81 -5.72
CA ASP A 135 24.00 24.85 -5.28
C ASP A 135 24.47 25.52 -4.01
N VAL A 136 24.84 24.73 -3.00
CA VAL A 136 25.26 25.34 -1.75
C VAL A 136 26.59 26.12 -1.91
N ASN A 137 27.54 25.54 -2.63
CA ASN A 137 28.80 26.24 -3.00
C ASN A 137 28.60 27.59 -3.69
N ARG A 138 27.65 27.66 -4.63
CA ARG A 138 27.37 28.92 -5.34
C ARG A 138 26.90 29.97 -4.38
N GLU A 139 25.97 29.60 -3.51
CA GLU A 139 25.47 30.49 -2.47
C GLU A 139 26.54 30.91 -1.49
N ARG A 140 27.29 29.92 -0.98
CA ARG A 140 28.42 30.14 -0.07
C ARG A 140 29.49 31.06 -0.68
N ASP A 141 29.89 30.79 -1.91
CA ASP A 141 30.85 31.63 -2.63
C ASP A 141 30.42 33.10 -2.81
N SER A 142 29.11 33.32 -2.85
CA SER A 142 28.57 34.63 -3.12
C SER A 142 28.47 35.41 -1.86
N GLY A 143 28.87 34.82 -0.74
CA GLY A 143 28.80 35.52 0.53
C GLY A 143 27.82 35.00 1.57
N ARG A 144 26.96 34.06 1.21
CA ARG A 144 25.93 33.60 2.18
C ARG A 144 26.48 32.64 3.21
N ASN A 145 25.99 32.78 4.43
CA ASN A 145 26.12 31.76 5.44
C ASN A 145 24.96 30.79 5.30
N VAL A 146 25.27 29.50 5.48
CA VAL A 146 24.31 28.44 5.16
C VAL A 146 24.20 27.43 6.28
N ILE A 147 22.96 27.06 6.60
CA ILE A 147 22.65 25.95 7.50
C ILE A 147 21.94 24.86 6.68
N ILE A 148 22.45 23.63 6.73
CA ILE A 148 21.87 22.51 6.00
C ILE A 148 21.52 21.44 7.05
N CYS A 149 20.23 21.10 7.12
CA CYS A 149 19.74 20.04 7.99
C CYS A 149 18.95 19.03 7.18
N GLY A 150 18.89 17.80 7.67
CA GLY A 150 18.06 16.82 7.01
C GLY A 150 18.59 15.43 7.05
N ASN A 151 17.86 14.58 6.37
CA ASN A 151 18.18 13.17 6.24
C ASN A 151 19.13 12.97 5.06
N PHE A 152 20.43 12.87 5.35
CA PHE A 152 21.43 12.63 4.29
C PHE A 152 21.41 11.19 3.79
N ASN A 153 20.80 10.28 4.56
CA ASN A 153 20.69 8.85 4.17
C ASN A 153 22.06 8.13 4.04
N THR A 154 23.07 8.72 4.70
CA THR A 154 24.42 8.18 4.75
C THR A 154 25.06 8.44 6.10
N ALA A 155 25.69 7.38 6.65
CA ALA A 155 26.51 7.47 7.86
C ALA A 155 27.96 7.73 7.41
N HIS A 156 28.58 8.79 7.95
CA HIS A 156 29.83 9.33 7.43
C HIS A 156 31.00 8.38 7.75
N ARG A 157 31.20 8.11 9.02
CA ARG A 157 32.29 7.27 9.47
C ARG A 157 31.81 5.98 10.15
N GLU A 158 32.75 5.11 10.46
CA GLU A 158 32.46 3.88 11.17
C GLU A 158 31.71 4.17 12.46
N ILE A 159 32.16 5.19 13.19
CA ILE A 159 31.53 5.63 14.43
C ILE A 159 30.04 6.07 14.26
N ASP A 160 29.59 6.16 13.02
CA ASP A 160 28.28 6.77 12.75
C ASP A 160 27.18 5.69 12.63
N LEU A 161 27.58 4.43 12.85
CA LEU A 161 26.66 3.30 12.83
C LEU A 161 27.12 2.15 13.73
N ALA A 162 26.14 1.43 14.29
CA ALA A 162 26.39 0.25 15.14
C ALA A 162 27.17 -0.87 14.42
N ARG A 163 26.92 -1.08 13.14
CA ARG A 163 27.49 -2.23 12.39
C ARG A 163 28.30 -1.83 11.15
N PRO A 164 29.40 -1.10 11.34
CA PRO A 164 30.13 -0.66 10.12
C PRO A 164 30.55 -1.81 9.21
N LYS A 165 31.06 -2.89 9.80
CA LYS A 165 31.67 -3.98 9.03
C LYS A 165 30.68 -4.72 8.11
N GLU A 166 29.44 -4.96 8.56
CA GLU A 166 28.47 -5.69 7.74
C GLU A 166 27.77 -4.86 6.69
N ASN A 167 27.98 -3.54 6.75
CA ASN A 167 27.31 -2.62 5.85
C ASN A 167 28.23 -1.98 4.83
N SER A 168 29.49 -2.39 4.85
CA SER A 168 30.49 -1.91 3.89
C SER A 168 30.00 -1.97 2.44
N ASN A 169 29.03 -2.83 2.15
CA ASN A 169 28.54 -2.97 0.77
C ASN A 169 27.04 -2.63 0.64
N VAL A 170 26.49 -1.96 1.64
CA VAL A 170 25.06 -1.59 1.69
C VAL A 170 24.91 -0.05 1.59
N SER A 171 24.01 0.43 0.73
CA SER A 171 23.70 1.87 0.64
C SER A 171 23.24 2.47 1.97
N GLY A 172 23.89 3.56 2.37
CA GLY A 172 23.87 4.04 3.73
C GLY A 172 25.31 4.15 4.20
N PHE A 173 26.19 3.30 3.65
CA PHE A 173 27.57 3.24 4.12
C PHE A 173 28.55 2.78 3.04
N LEU A 174 28.15 2.95 1.78
CA LEU A 174 29.04 2.65 0.65
C LEU A 174 30.26 3.58 0.65
N PRO A 175 31.41 3.09 0.17
CA PRO A 175 32.54 4.01 -0.05
C PRO A 175 32.19 5.27 -0.89
N VAL A 176 31.50 5.14 -2.03
CA VAL A 176 31.06 6.33 -2.80
C VAL A 176 30.34 7.40 -1.96
N GLU A 177 29.47 6.95 -1.05
CA GLU A 177 28.61 7.82 -0.24
C GLU A 177 29.39 8.51 0.87
N ARG A 178 30.14 7.72 1.63
CA ARG A 178 31.04 8.25 2.67
C ARG A 178 32.03 9.25 2.08
N ALA A 179 32.53 8.96 0.87
CA ALA A 179 33.52 9.84 0.21
C ALA A 179 32.88 11.16 -0.23
N TRP A 180 31.63 11.13 -0.72
CA TRP A 180 30.89 12.35 -0.93
C TRP A 180 30.77 13.22 0.33
N ILE A 181 30.50 12.63 1.47
CA ILE A 181 30.44 13.42 2.69
C ILE A 181 31.82 14.00 2.99
N ASP A 182 32.87 13.19 2.86
CA ASP A 182 34.25 13.66 2.93
C ASP A 182 34.43 14.88 2.06
N LYS A 183 34.08 14.73 0.78
CA LYS A 183 34.15 15.79 -0.22
C LYS A 183 33.40 17.06 0.20
N PHE A 184 32.17 16.86 0.66
CA PHE A 184 31.32 17.95 1.11
C PHE A 184 32.01 18.75 2.23
N ILE A 185 32.46 18.01 3.24
CA ILE A 185 33.20 18.61 4.35
C ILE A 185 34.46 19.37 3.89
N GLU A 186 35.20 18.82 2.92
CA GLU A 186 36.43 19.41 2.36
C GLU A 186 36.16 20.75 1.65
N ASN A 187 34.96 20.91 1.09
CA ASN A 187 34.56 22.12 0.40
C ASN A 187 34.26 23.28 1.31
N GLY A 188 34.43 23.09 2.61
CA GLY A 188 34.20 24.18 3.55
C GLY A 188 33.04 24.07 4.50
N TYR A 189 32.57 22.85 4.73
CA TYR A 189 31.39 22.68 5.56
C TYR A 189 31.66 21.80 6.78
N VAL A 190 30.90 22.03 7.85
CA VAL A 190 31.18 21.44 9.17
C VAL A 190 29.98 20.61 9.70
N ASP A 191 30.20 19.32 9.93
CA ASP A 191 29.25 18.43 10.61
C ASP A 191 29.15 18.88 12.06
N THR A 192 28.11 19.63 12.41
CA THR A 192 28.11 20.36 13.67
C THR A 192 27.99 19.51 14.93
N PHE A 193 27.43 18.32 14.81
CA PHE A 193 27.27 17.47 15.99
C PHE A 193 28.64 17.07 16.46
N ARG A 194 29.53 16.80 15.51
CA ARG A 194 30.90 16.40 15.84
C ARG A 194 31.75 17.58 16.37
N MET A 195 31.22 18.80 16.29
CA MET A 195 31.88 19.93 16.94
C MET A 195 31.83 19.78 18.45
N PHE A 196 30.81 19.10 18.98
CA PHE A 196 30.57 19.06 20.41
C PHE A 196 30.54 17.69 21.04
N ASN A 197 30.50 16.65 20.22
CA ASN A 197 30.28 15.31 20.70
C ASN A 197 31.02 14.33 19.82
N SER A 198 32.01 13.66 20.40
CA SER A 198 32.89 12.74 19.69
C SER A 198 32.63 11.29 20.03
N ASP A 199 31.58 11.06 20.82
CA ASP A 199 31.25 9.74 21.35
C ASP A 199 30.61 8.87 20.27
N PRO A 200 30.76 7.53 20.40
CA PRO A 200 30.07 6.62 19.54
C PRO A 200 28.68 6.33 20.10
N GLY A 201 27.95 5.46 19.43
CA GLY A 201 26.60 5.10 19.87
C GLY A 201 25.61 6.26 19.72
N GLN A 202 25.92 7.22 18.86
CA GLN A 202 25.03 8.37 18.65
C GLN A 202 24.36 8.26 17.30
N TYR A 203 23.10 7.85 17.33
CA TYR A 203 22.31 7.54 16.13
C TYR A 203 21.03 8.38 16.03
N THR A 204 20.50 8.46 14.80
CA THR A 204 19.30 9.23 14.50
C THR A 204 18.27 8.39 13.75
N TRP A 205 18.67 7.19 13.32
CA TRP A 205 17.81 6.26 12.60
C TRP A 205 18.06 4.83 13.09
N TRP A 206 16.99 4.04 13.20
CA TRP A 206 17.03 2.62 13.49
C TRP A 206 15.94 1.88 12.70
N SER A 207 16.26 0.68 12.27
CA SER A 207 15.30 -0.27 11.70
C SER A 207 14.12 -0.52 12.62
N TYR A 208 12.93 -0.66 12.03
CA TYR A 208 11.78 -1.17 12.78
C TYR A 208 11.95 -2.63 13.13
N ARG A 209 12.49 -3.40 12.19
CA ARG A 209 12.77 -4.81 12.42
C ARG A 209 13.73 -5.06 13.58
N THR A 210 13.50 -6.17 14.28
CA THR A 210 14.35 -6.70 15.38
C THR A 210 14.46 -5.72 16.54
N ARG A 211 13.47 -4.84 16.68
CA ARG A 211 13.45 -3.85 17.77
C ARG A 211 14.80 -3.12 17.97
N ALA A 212 15.41 -2.68 16.87
CA ALA A 212 16.79 -2.16 16.91
C ALA A 212 16.95 -0.86 17.70
N ARG A 213 15.89 -0.07 17.76
CA ARG A 213 15.93 1.14 18.57
C ARG A 213 16.09 0.88 20.08
N GLU A 214 15.48 -0.19 20.58
CA GLU A 214 15.56 -0.53 22.00
C GLU A 214 16.98 -0.98 22.44
N ARG A 215 17.77 -1.43 21.46
CA ARG A 215 19.16 -1.84 21.69
C ARG A 215 20.19 -0.80 21.19
N ASN A 216 19.69 0.35 20.72
CA ASN A 216 20.50 1.40 20.08
C ASN A 216 21.39 0.86 18.94
N VAL A 217 20.80 0.00 18.11
CA VAL A 217 21.53 -0.56 16.95
C VAL A 217 21.17 0.26 15.69
N GLY A 218 21.80 1.45 15.62
CA GLY A 218 21.36 2.52 14.74
C GLY A 218 22.39 3.11 13.80
N TRP A 219 22.00 4.16 13.07
CA TRP A 219 22.86 4.90 12.14
C TRP A 219 22.59 6.38 12.29
N ARG A 220 23.63 7.20 12.13
CA ARG A 220 23.44 8.65 12.18
C ARG A 220 23.24 9.13 10.76
N LEU A 221 21.98 9.33 10.37
CA LEU A 221 21.66 9.66 8.97
C LEU A 221 21.26 11.12 8.83
N ASP A 222 21.00 11.77 9.96
CA ASP A 222 20.41 13.08 9.99
C ASP A 222 21.46 14.02 10.55
N TYR A 223 21.68 15.15 9.86
CA TYR A 223 22.79 16.08 10.21
C TYR A 223 22.41 17.54 10.19
N PHE A 224 23.14 18.35 10.94
CA PHE A 224 23.17 19.81 10.75
C PHE A 224 24.58 20.21 10.32
N PHE A 225 24.69 20.78 9.12
CA PHE A 225 25.92 21.36 8.61
C PHE A 225 25.81 22.88 8.55
N VAL A 226 26.98 23.53 8.66
CA VAL A 226 27.14 24.95 8.37
C VAL A 226 28.45 25.14 7.57
N ASN A 227 28.55 26.23 6.82
CA ASN A 227 29.82 26.60 6.22
C ASN A 227 30.83 27.04 7.32
N GLU A 228 32.10 26.68 7.11
CA GLU A 228 33.25 27.08 7.97
C GLU A 228 33.12 28.48 8.56
N GLU A 229 32.87 29.46 7.70
CA GLU A 229 32.80 30.84 8.11
C GLU A 229 31.67 31.18 9.10
N PHE A 230 30.81 30.20 9.40
CA PHE A 230 29.63 30.47 10.21
C PHE A 230 29.68 29.62 11.48
N LYS A 231 30.73 28.81 11.59
CA LYS A 231 30.80 27.79 12.64
C LYS A 231 30.86 28.35 14.05
N GLY A 232 31.42 29.56 14.21
CA GLY A 232 31.52 30.19 15.52
C GLY A 232 30.19 30.69 16.03
N LYS A 233 29.18 30.70 15.17
CA LYS A 233 27.83 31.13 15.54
C LYS A 233 26.98 30.00 16.13
N VAL A 234 27.45 28.75 16.00
CA VAL A 234 26.75 27.59 16.55
C VAL A 234 27.17 27.21 17.98
N LYS A 235 26.18 27.18 18.86
CA LYS A 235 26.41 27.00 20.27
C LYS A 235 26.06 25.59 20.76
N ARG A 236 25.21 24.88 20.01
CA ARG A 236 24.65 23.58 20.42
C ARG A 236 24.25 22.79 19.20
N SER A 237 24.69 21.54 19.14
CA SER A 237 24.20 20.60 18.17
C SER A 237 24.06 19.27 18.89
N TRP A 238 22.83 18.76 18.97
CA TRP A 238 22.50 17.56 19.74
C TRP A 238 21.46 16.65 19.05
N ILE A 239 21.30 15.43 19.57
CA ILE A 239 20.30 14.50 19.05
C ILE A 239 19.17 14.37 20.05
N LEU A 240 17.93 14.52 19.62
CA LEU A 240 16.77 14.33 20.54
C LEU A 240 16.33 12.87 20.53
N SER A 241 17.18 11.99 21.07
CA SER A 241 17.01 10.53 20.86
C SER A 241 15.86 9.86 21.63
N ASP A 242 15.33 10.53 22.65
CA ASP A 242 14.16 10.04 23.36
C ASP A 242 12.84 10.31 22.62
N VAL A 243 12.86 11.16 21.60
CA VAL A 243 11.62 11.52 20.89
C VAL A 243 11.21 10.44 19.89
N MET A 244 10.06 9.84 20.19
CA MET A 244 9.49 8.70 19.45
C MET A 244 8.55 9.11 18.33
N GLY A 245 8.23 8.18 17.43
CA GLY A 245 7.17 8.41 16.42
C GLY A 245 7.53 8.09 14.97
N SER A 246 8.82 7.96 14.70
CA SER A 246 9.29 7.71 13.35
C SER A 246 10.44 6.72 13.50
N ASP A 247 10.92 6.15 12.39
CA ASP A 247 12.24 5.46 12.42
C ASP A 247 13.47 6.39 12.66
N HIS A 248 13.28 7.69 12.48
CA HIS A 248 14.33 8.67 12.75
C HIS A 248 13.98 9.35 14.06
N CYS A 249 14.97 9.93 14.73
CA CYS A 249 14.64 10.89 15.78
C CYS A 249 14.99 12.30 15.29
N PRO A 250 14.48 13.34 16.01
CA PRO A 250 14.83 14.71 15.67
C PRO A 250 16.26 15.00 16.03
N ILE A 251 16.85 15.98 15.32
CA ILE A 251 18.11 16.58 15.75
C ILE A 251 17.94 18.09 15.99
N GLY A 252 18.79 18.68 16.83
CA GLY A 252 18.70 20.11 17.14
C GLY A 252 19.95 20.94 16.91
N LEU A 253 19.73 22.23 16.70
CA LEU A 253 20.78 23.20 16.56
C LEU A 253 20.40 24.49 17.29
N GLU A 254 21.34 25.00 18.08
CA GLU A 254 21.25 26.38 18.54
C GLU A 254 22.34 27.24 17.92
N ILE A 255 21.93 28.40 17.42
CA ILE A 255 22.86 29.43 16.96
C ILE A 255 22.65 30.72 17.73
N GLU A 256 23.73 31.49 17.85
CA GLU A 256 23.69 32.84 18.42
C GLU A 256 24.08 33.89 17.40
N LEU A 257 23.13 34.75 17.06
CA LEU A 257 23.35 35.78 16.05
C LEU A 257 23.64 37.14 16.66
N VAL B 3 -20.83 -37.98 -8.88
CA VAL B 3 -20.78 -37.23 -7.56
C VAL B 3 -19.57 -36.27 -7.31
N LEU B 4 -19.61 -35.05 -7.87
CA LEU B 4 -18.48 -34.11 -7.76
C LEU B 4 -18.67 -33.12 -6.62
N LYS B 5 -17.59 -32.74 -5.94
CA LYS B 5 -17.64 -31.59 -5.03
C LYS B 5 -16.90 -30.36 -5.60
N ILE B 6 -17.57 -29.21 -5.55
CA ILE B 6 -16.97 -27.93 -5.97
C ILE B 6 -17.14 -26.89 -4.87
N ILE B 7 -16.03 -26.28 -4.47
CA ILE B 7 -16.02 -25.14 -3.55
C ILE B 7 -15.55 -23.89 -4.30
N SER B 8 -16.30 -22.81 -4.16
CA SER B 8 -15.90 -21.49 -4.64
C SER B 8 -15.64 -20.65 -3.38
N TRP B 9 -14.49 -19.97 -3.38
CA TRP B 9 -14.15 -19.04 -2.30
C TRP B 9 -13.50 -17.77 -2.84
N ASN B 10 -14.08 -16.62 -2.45
CA ASN B 10 -13.46 -15.32 -2.68
C ASN B 10 -12.52 -15.06 -1.53
N VAL B 11 -11.26 -15.40 -1.77
CA VAL B 11 -10.21 -15.59 -0.78
C VAL B 11 -9.59 -14.27 -0.22
N ASN B 12 -9.69 -13.20 -1.01
CA ASN B 12 -9.02 -11.92 -0.72
C ASN B 12 -7.57 -12.08 -0.27
N GLY B 13 -6.75 -12.55 -1.20
CA GLY B 13 -5.35 -12.79 -0.94
C GLY B 13 -5.14 -14.25 -0.71
N LEU B 14 -4.62 -14.94 -1.74
CA LEU B 14 -4.21 -16.35 -1.60
C LEU B 14 -3.01 -16.53 -0.64
N ARG B 15 -2.03 -15.62 -0.65
CA ARG B 15 -0.94 -15.68 0.36
C ARG B 15 -1.44 -15.45 1.78
N ALA B 16 -2.36 -14.51 1.95
CA ALA B 16 -2.90 -14.20 3.25
C ALA B 16 -3.59 -15.42 3.84
N VAL B 17 -4.47 -16.05 3.06
CA VAL B 17 -5.14 -17.30 3.48
C VAL B 17 -4.17 -18.47 3.71
N HIS B 18 -3.19 -18.63 2.81
CA HIS B 18 -2.07 -19.56 3.04
C HIS B 18 -1.44 -19.41 4.44
N ARG B 19 -1.07 -18.18 4.79
CA ARG B 19 -0.49 -17.90 6.10
C ARG B 19 -1.44 -18.29 7.25
N LYS B 20 -2.73 -18.27 6.94
CA LYS B 20 -3.79 -18.62 7.90
C LYS B 20 -4.18 -20.11 7.95
N GLY B 21 -3.55 -20.96 7.12
CA GLY B 21 -3.86 -22.39 7.10
C GLY B 21 -4.75 -22.89 5.97
N PHE B 22 -4.70 -22.22 4.81
CA PHE B 22 -5.39 -22.60 3.59
C PHE B 22 -5.22 -24.07 3.21
N LEU B 23 -3.97 -24.53 3.19
CA LEU B 23 -3.63 -25.87 2.72
C LEU B 23 -4.23 -27.00 3.57
N LYS B 24 -4.25 -26.80 4.89
CA LYS B 24 -4.84 -27.73 5.80
C LYS B 24 -6.34 -27.79 5.55
N TRP B 25 -6.99 -26.63 5.54
CA TRP B 25 -8.42 -26.53 5.28
C TRP B 25 -8.83 -27.22 3.95
N PHE B 26 -8.00 -27.05 2.93
CA PHE B 26 -8.22 -27.56 1.58
C PHE B 26 -8.09 -29.09 1.59
N MET B 27 -7.15 -29.58 2.38
CA MET B 27 -6.93 -31.02 2.53
C MET B 27 -8.00 -31.69 3.37
N GLU B 28 -8.55 -30.97 4.34
CA GLU B 28 -9.70 -31.45 5.10
C GLU B 28 -10.95 -31.52 4.24
N GLU B 29 -11.02 -30.67 3.22
CA GLU B 29 -12.25 -30.51 2.46
C GLU B 29 -12.29 -31.34 1.17
N LYS B 30 -11.12 -31.60 0.59
CA LYS B 30 -10.99 -32.47 -0.59
C LYS B 30 -12.04 -32.23 -1.67
N PRO B 31 -12.25 -30.97 -2.12
CA PRO B 31 -13.20 -30.86 -3.20
C PRO B 31 -12.56 -31.39 -4.49
N ASP B 32 -13.39 -31.75 -5.46
CA ASP B 32 -12.89 -32.18 -6.76
C ASP B 32 -12.37 -31.00 -7.57
N ILE B 33 -12.97 -29.83 -7.32
CA ILE B 33 -12.59 -28.57 -7.93
C ILE B 33 -12.73 -27.48 -6.87
N LEU B 34 -11.67 -26.68 -6.76
CA LEU B 34 -11.66 -25.55 -5.85
C LEU B 34 -11.43 -24.30 -6.69
N CYS B 35 -12.49 -23.49 -6.84
CA CYS B 35 -12.44 -22.18 -7.52
C CYS B 35 -12.20 -21.06 -6.52
N LEU B 36 -11.19 -20.22 -6.80
CA LEU B 36 -10.87 -19.06 -5.96
C LEU B 36 -11.01 -17.75 -6.71
N GLN B 37 -11.43 -16.70 -5.99
CA GLN B 37 -11.51 -15.35 -6.54
C GLN B 37 -10.73 -14.38 -5.66
N GLU B 38 -10.30 -13.27 -6.28
CA GLU B 38 -9.50 -12.25 -5.64
C GLU B 38 -8.24 -12.83 -4.98
N ILE B 39 -7.48 -13.62 -5.74
CA ILE B 39 -6.24 -14.19 -5.20
C ILE B 39 -5.18 -13.12 -4.91
N LYS B 40 -5.27 -11.97 -5.60
CA LYS B 40 -4.31 -10.86 -5.44
C LYS B 40 -2.85 -11.35 -5.55
N ALA B 41 -2.53 -12.04 -6.65
CA ALA B 41 -1.22 -12.69 -6.82
C ALA B 41 -1.11 -13.34 -8.20
N ALA B 42 0.14 -13.43 -8.68
CA ALA B 42 0.48 -14.16 -9.89
C ALA B 42 1.28 -15.38 -9.42
N PRO B 43 1.26 -16.49 -10.19
CA PRO B 43 1.88 -17.76 -9.73
C PRO B 43 3.30 -17.59 -9.22
N GLU B 44 4.07 -16.71 -9.87
CA GLU B 44 5.45 -16.43 -9.50
C GLU B 44 5.66 -15.85 -8.09
N GLN B 45 4.60 -15.31 -7.49
CA GLN B 45 4.68 -14.75 -6.13
C GLN B 45 4.31 -15.78 -5.07
N LEU B 46 3.93 -16.98 -5.53
CA LEU B 46 3.40 -18.05 -4.66
C LEU B 46 4.45 -19.11 -4.30
N PRO B 47 4.50 -19.51 -3.03
CA PRO B 47 5.45 -20.59 -2.73
C PRO B 47 5.09 -21.87 -3.50
N ARG B 48 6.12 -22.69 -3.79
CA ARG B 48 5.99 -23.91 -4.59
C ARG B 48 4.88 -24.82 -4.09
N LYS B 49 4.72 -24.93 -2.77
CA LYS B 49 3.67 -25.76 -2.19
C LYS B 49 2.24 -25.27 -2.43
N LEU B 50 2.09 -24.02 -2.86
CA LEU B 50 0.78 -23.43 -3.25
C LEU B 50 0.48 -23.57 -4.73
N ARG B 51 1.50 -23.44 -5.57
CA ARG B 51 1.36 -23.69 -7.00
C ARG B 51 1.07 -25.17 -7.33
N HIS B 52 1.55 -26.05 -6.47
CA HIS B 52 1.53 -27.47 -6.70
C HIS B 52 1.02 -28.15 -5.45
N VAL B 53 -0.26 -28.45 -5.46
CA VAL B 53 -0.87 -29.20 -4.38
C VAL B 53 -1.01 -30.65 -4.84
N GLU B 54 -0.37 -31.54 -4.10
CA GLU B 54 -0.47 -32.98 -4.32
C GLU B 54 -1.92 -33.40 -4.63
N GLY B 55 -2.12 -33.94 -5.83
CA GLY B 55 -3.44 -34.46 -6.21
C GLY B 55 -4.27 -33.54 -7.08
N TYR B 56 -3.74 -32.34 -7.35
CA TYR B 56 -4.47 -31.30 -8.08
C TYR B 56 -3.58 -30.65 -9.13
N ARG B 57 -4.17 -30.40 -10.30
CA ARG B 57 -3.66 -29.43 -11.27
C ARG B 57 -4.17 -28.03 -10.89
N SER B 58 -3.29 -27.04 -10.97
CA SER B 58 -3.63 -25.65 -10.64
C SER B 58 -3.60 -24.76 -11.87
N PHE B 59 -4.50 -23.78 -11.89
CA PHE B 59 -4.59 -22.84 -12.99
C PHE B 59 -4.84 -21.46 -12.37
N PHE B 60 -3.93 -20.52 -12.63
CA PHE B 60 -4.00 -19.18 -12.09
C PHE B 60 -4.19 -18.20 -13.24
N THR B 61 -5.09 -17.23 -13.04
CA THR B 61 -5.39 -16.20 -14.03
C THR B 61 -5.27 -14.85 -13.31
N PRO B 62 -4.04 -14.34 -13.17
CA PRO B 62 -3.82 -13.08 -12.41
C PRO B 62 -4.23 -11.86 -13.23
N ALA B 63 -4.51 -10.74 -12.54
CA ALA B 63 -4.82 -9.47 -13.19
C ALA B 63 -3.53 -8.95 -13.80
N GLU B 64 -3.60 -8.07 -14.80
CA GLU B 64 -2.39 -7.41 -15.27
C GLU B 64 -1.80 -6.58 -14.15
N ARG B 65 -2.66 -6.04 -13.28
CA ARG B 65 -2.22 -5.31 -12.11
C ARG B 65 -1.85 -6.20 -10.90
N LYS B 66 -0.59 -6.05 -10.50
CA LYS B 66 0.03 -6.72 -9.36
C LYS B 66 -0.80 -6.52 -8.08
N GLY B 67 -0.98 -7.58 -7.30
CA GLY B 67 -1.72 -7.54 -6.03
C GLY B 67 -3.20 -7.28 -6.20
N TYR B 68 -3.67 -7.27 -7.44
CA TYR B 68 -5.07 -6.95 -7.71
C TYR B 68 -5.86 -8.15 -8.28
N SER B 69 -7.05 -8.39 -7.73
CA SER B 69 -8.04 -9.30 -8.33
C SER B 69 -7.45 -10.71 -8.54
N GLY B 70 -7.71 -11.31 -9.70
CA GLY B 70 -7.18 -12.61 -10.04
C GLY B 70 -8.04 -13.77 -9.57
N VAL B 71 -8.13 -14.78 -10.42
CA VAL B 71 -8.83 -16.02 -10.07
C VAL B 71 -7.89 -17.21 -10.15
N ALA B 72 -8.28 -18.28 -9.44
CA ALA B 72 -7.59 -19.58 -9.52
C ALA B 72 -8.57 -20.78 -9.45
N MET B 73 -8.12 -21.90 -10.04
CA MET B 73 -8.83 -23.15 -10.02
C MET B 73 -7.84 -24.27 -9.72
N TYR B 74 -8.18 -25.08 -8.72
CA TYR B 74 -7.48 -26.32 -8.46
C TYR B 74 -8.40 -27.46 -8.87
N THR B 75 -7.85 -28.51 -9.44
CA THR B 75 -8.71 -29.51 -10.05
C THR B 75 -8.03 -30.89 -10.11
N LYS B 76 -8.67 -31.88 -9.50
CA LYS B 76 -8.13 -33.24 -9.46
C LYS B 76 -7.99 -33.79 -10.88
N VAL B 77 -8.93 -33.42 -11.74
CA VAL B 77 -8.94 -33.86 -13.11
C VAL B 77 -8.84 -32.62 -14.02
N PRO B 78 -7.78 -32.53 -14.83
CA PRO B 78 -7.65 -31.31 -15.66
C PRO B 78 -8.84 -31.09 -16.59
N PRO B 79 -9.24 -29.82 -16.82
CA PRO B 79 -10.25 -29.59 -17.85
C PRO B 79 -9.67 -29.82 -19.25
N SER B 80 -10.54 -29.91 -20.25
CA SER B 80 -10.13 -30.13 -21.66
C SER B 80 -9.57 -28.84 -22.26
N SER B 81 -10.20 -27.72 -21.92
CA SER B 81 -9.63 -26.41 -22.20
C SER B 81 -9.86 -25.45 -21.02
N LEU B 82 -9.25 -24.28 -21.12
CA LEU B 82 -9.45 -23.22 -20.15
C LEU B 82 -9.37 -21.89 -20.87
N ARG B 83 -10.50 -21.19 -20.93
CA ARG B 83 -10.59 -19.86 -21.51
C ARG B 83 -10.59 -18.79 -20.39
N GLU B 84 -9.91 -17.66 -20.63
CA GLU B 84 -9.63 -16.66 -19.59
C GLU B 84 -10.22 -15.29 -19.93
N GLY B 85 -11.13 -15.28 -20.90
CA GLY B 85 -11.78 -14.06 -21.29
C GLY B 85 -13.07 -14.27 -22.04
N PHE B 86 -13.87 -13.21 -22.05
CA PHE B 86 -15.05 -13.14 -22.92
C PHE B 86 -14.70 -12.72 -24.36
N GLY B 87 -13.46 -12.34 -24.62
CA GLY B 87 -13.09 -11.82 -25.94
C GLY B 87 -13.36 -10.32 -26.04
N VAL B 88 -13.27 -9.64 -24.91
CA VAL B 88 -13.42 -8.19 -24.83
C VAL B 88 -12.28 -7.68 -23.92
N GLU B 89 -11.34 -6.94 -24.50
CA GLU B 89 -10.07 -6.69 -23.81
C GLU B 89 -10.20 -6.11 -22.41
N ARG B 90 -11.13 -5.16 -22.24
CA ARG B 90 -11.26 -4.48 -20.95
C ARG B 90 -11.81 -5.39 -19.82
N PHE B 91 -12.52 -6.45 -20.20
CA PHE B 91 -13.05 -7.40 -19.23
C PHE B 91 -12.10 -8.57 -18.98
N ASP B 92 -11.14 -8.73 -19.89
CA ASP B 92 -10.32 -9.94 -19.99
C ASP B 92 -8.94 -9.83 -19.36
N THR B 93 -8.57 -8.63 -18.94
CA THR B 93 -7.20 -8.38 -18.43
C THR B 93 -7.17 -8.16 -16.92
N GLU B 94 -8.34 -8.23 -16.28
CA GLU B 94 -8.41 -8.00 -14.84
C GLU B 94 -8.34 -9.26 -13.94
N GLY B 95 -7.98 -10.42 -14.51
CA GLY B 95 -7.90 -11.67 -13.74
C GLY B 95 -9.25 -12.11 -13.14
N ARG B 96 -10.31 -11.94 -13.93
CA ARG B 96 -11.69 -12.13 -13.45
C ARG B 96 -12.35 -13.42 -13.93
N ILE B 97 -11.86 -13.98 -15.03
CA ILE B 97 -12.57 -15.02 -15.80
C ILE B 97 -11.77 -16.32 -15.94
N GLN B 98 -12.37 -17.40 -15.47
CA GLN B 98 -11.97 -18.75 -15.89
C GLN B 98 -13.17 -19.54 -16.39
N ILE B 99 -13.01 -20.13 -17.57
CA ILE B 99 -14.03 -20.99 -18.15
C ILE B 99 -13.37 -22.34 -18.48
N ALA B 100 -13.61 -23.31 -17.61
CA ALA B 100 -13.03 -24.64 -17.74
C ALA B 100 -14.04 -25.68 -18.29
N ASP B 101 -13.63 -26.37 -19.36
CA ASP B 101 -14.46 -27.42 -19.95
C ASP B 101 -14.17 -28.78 -19.32
N PHE B 102 -15.16 -29.30 -18.60
CA PHE B 102 -15.05 -30.62 -18.00
C PHE B 102 -15.89 -31.66 -18.75
N ASP B 103 -16.30 -31.32 -19.97
CA ASP B 103 -17.05 -32.25 -20.86
C ASP B 103 -18.51 -32.48 -20.42
N ASP B 104 -18.74 -32.73 -19.13
CA ASP B 104 -20.10 -32.86 -18.61
C ASP B 104 -20.77 -31.51 -18.31
N PHE B 105 -19.96 -30.44 -18.39
CA PHE B 105 -20.39 -29.05 -18.18
C PHE B 105 -19.23 -28.12 -18.45
N LEU B 106 -19.53 -26.82 -18.61
CA LEU B 106 -18.53 -25.78 -18.52
C LEU B 106 -18.58 -25.20 -17.12
N LEU B 107 -17.42 -24.92 -16.54
CA LEU B 107 -17.39 -24.26 -15.23
C LEU B 107 -16.89 -22.82 -15.36
N TYR B 108 -17.78 -21.89 -15.04
CA TYR B 108 -17.44 -20.48 -15.00
C TYR B 108 -17.05 -20.13 -13.59
N ASN B 109 -15.79 -19.71 -13.47
CA ASN B 109 -15.21 -19.19 -12.23
C ASN B 109 -14.96 -17.69 -12.47
N ILE B 110 -15.81 -16.88 -11.85
CA ILE B 110 -15.85 -15.47 -12.18
C ILE B 110 -15.70 -14.64 -10.92
N TYR B 111 -14.80 -13.66 -11.00
CA TYR B 111 -14.77 -12.57 -10.04
C TYR B 111 -15.45 -11.36 -10.69
N PHE B 112 -16.69 -11.09 -10.32
CA PHE B 112 -17.43 -9.97 -10.90
C PHE B 112 -17.02 -8.66 -10.22
N PRO B 113 -16.96 -7.56 -10.98
CA PRO B 113 -16.44 -6.27 -10.44
C PRO B 113 -17.18 -5.68 -9.22
N ASN B 114 -16.43 -5.16 -8.25
CA ASN B 114 -16.98 -4.21 -7.28
C ASN B 114 -17.44 -2.97 -8.02
N GLY B 115 -18.64 -2.48 -7.70
CA GLY B 115 -19.16 -1.24 -8.30
C GLY B 115 -19.32 -0.04 -7.37
N LYS B 116 -18.89 -0.18 -6.12
CA LYS B 116 -19.06 0.86 -5.10
C LYS B 116 -18.03 2.03 -5.17
N MET B 117 -16.84 1.78 -5.75
CA MET B 117 -15.82 2.83 -5.93
C MET B 117 -16.36 4.11 -6.64
N SER B 118 -16.90 3.94 -7.85
CA SER B 118 -17.27 5.06 -8.69
C SER B 118 -18.42 4.74 -9.65
N GLU B 119 -18.87 5.76 -10.39
CA GLU B 119 -19.82 5.56 -11.48
C GLU B 119 -19.11 4.82 -12.61
N GLU B 120 -17.81 5.05 -12.70
CA GLU B 120 -16.97 4.46 -13.74
C GLU B 120 -16.96 2.93 -13.65
N ARG B 121 -16.80 2.44 -12.43
CA ARG B 121 -16.71 1.01 -12.16
C ARG B 121 -18.07 0.32 -12.06
N LEU B 122 -19.09 1.04 -11.60
CA LEU B 122 -20.47 0.52 -11.56
C LEU B 122 -20.94 0.28 -12.99
N LYS B 123 -20.68 1.26 -13.86
CA LYS B 123 -20.83 1.08 -15.30
C LYS B 123 -20.04 -0.13 -15.85
N TYR B 124 -18.84 -0.35 -15.31
CA TYR B 124 -17.98 -1.42 -15.78
C TYR B 124 -18.55 -2.77 -15.28
N LYS B 125 -18.89 -2.81 -14.00
CA LYS B 125 -19.58 -3.96 -13.41
C LYS B 125 -20.77 -4.42 -14.25
N LEU B 126 -21.66 -3.50 -14.59
CA LEU B 126 -22.88 -3.79 -15.36
C LEU B 126 -22.60 -4.24 -16.78
N GLU B 127 -21.59 -3.65 -17.40
CA GLU B 127 -21.22 -4.01 -18.75
C GLU B 127 -20.46 -5.34 -18.78
N PHE B 128 -19.84 -5.68 -17.64
CA PHE B 128 -19.24 -6.97 -17.38
C PHE B 128 -20.35 -8.02 -17.32
N TYR B 129 -21.34 -7.77 -16.45
CA TYR B 129 -22.57 -8.57 -16.37
C TYR B 129 -23.12 -8.90 -17.75
N ASP B 130 -23.32 -7.85 -18.56
CA ASP B 130 -23.79 -7.96 -19.94
C ASP B 130 -22.93 -8.90 -20.76
N ALA B 131 -21.61 -8.72 -20.68
CA ALA B 131 -20.67 -9.51 -21.46
C ALA B 131 -20.72 -10.98 -21.04
N PHE B 132 -20.72 -11.19 -19.72
CA PHE B 132 -20.90 -12.52 -19.16
C PHE B 132 -22.14 -13.23 -19.69
N LEU B 133 -23.31 -12.60 -19.57
CA LEU B 133 -24.59 -13.17 -20.05
C LEU B 133 -24.56 -13.63 -21.52
N GLU B 134 -24.03 -12.80 -22.42
CA GLU B 134 -23.87 -13.17 -23.82
C GLU B 134 -23.07 -14.46 -23.94
N ASP B 135 -21.89 -14.44 -23.32
CA ASP B 135 -20.98 -15.60 -23.30
C ASP B 135 -21.64 -16.87 -22.76
N VAL B 136 -22.15 -16.84 -21.54
CA VAL B 136 -22.85 -18.00 -20.99
C VAL B 136 -24.02 -18.47 -21.90
N ASN B 137 -24.86 -17.52 -22.37
CA ASN B 137 -25.95 -17.87 -23.29
C ASN B 137 -25.44 -18.49 -24.57
N ARG B 138 -24.41 -17.90 -25.18
CA ARG B 138 -23.82 -18.47 -26.38
C ARG B 138 -23.41 -19.93 -26.17
N GLU B 139 -22.81 -20.21 -25.02
CA GLU B 139 -22.29 -21.56 -24.75
C GLU B 139 -23.41 -22.54 -24.41
N ARG B 140 -24.41 -22.06 -23.66
CA ARG B 140 -25.57 -22.85 -23.28
C ARG B 140 -26.45 -23.12 -24.50
N ASP B 141 -26.61 -22.11 -25.34
CA ASP B 141 -27.42 -22.20 -26.54
C ASP B 141 -26.82 -23.16 -27.54
N SER B 142 -25.49 -23.29 -27.53
CA SER B 142 -24.78 -24.23 -28.40
C SER B 142 -24.96 -25.66 -27.87
N GLY B 143 -25.45 -25.79 -26.64
CA GLY B 143 -25.80 -27.09 -26.08
C GLY B 143 -24.97 -27.59 -24.92
N ARG B 144 -24.36 -26.68 -24.17
CA ARG B 144 -23.56 -27.05 -23.01
C ARG B 144 -24.29 -26.80 -21.71
N ASN B 145 -24.07 -27.68 -20.74
CA ASN B 145 -24.53 -27.44 -19.39
C ASN B 145 -23.48 -26.61 -18.67
N VAL B 146 -23.94 -25.57 -17.96
CA VAL B 146 -23.04 -24.58 -17.39
C VAL B 146 -23.24 -24.42 -15.90
N ILE B 147 -22.13 -24.49 -15.16
CA ILE B 147 -22.11 -24.13 -13.74
C ILE B 147 -21.36 -22.81 -13.65
N ILE B 148 -21.94 -21.82 -12.97
CA ILE B 148 -21.28 -20.54 -12.72
C ILE B 148 -21.14 -20.32 -11.22
N CYS B 149 -19.91 -20.08 -10.79
CA CYS B 149 -19.63 -19.72 -9.42
C CYS B 149 -18.69 -18.51 -9.35
N GLY B 150 -18.79 -17.78 -8.25
CA GLY B 150 -17.89 -16.68 -8.00
C GLY B 150 -18.55 -15.61 -7.15
N ASN B 151 -17.83 -14.50 -6.99
CA ASN B 151 -18.32 -13.33 -6.29
C ASN B 151 -19.05 -12.43 -7.30
N PHE B 152 -20.38 -12.41 -7.23
CA PHE B 152 -21.19 -11.59 -8.15
C PHE B 152 -21.25 -10.17 -7.67
N ASN B 153 -20.82 -9.91 -6.45
CA ASN B 153 -20.87 -8.58 -5.86
C ASN B 153 -22.26 -7.91 -5.84
N THR B 154 -23.32 -8.72 -5.88
CA THR B 154 -24.70 -8.24 -5.75
C THR B 154 -25.55 -9.22 -4.94
N ALA B 155 -26.20 -8.71 -3.88
CA ALA B 155 -27.24 -9.43 -3.14
C ALA B 155 -28.54 -9.35 -3.94
N HIS B 156 -29.14 -10.49 -4.26
CA HIS B 156 -30.28 -10.52 -5.20
C HIS B 156 -31.58 -9.90 -4.64
N ARG B 157 -32.03 -10.42 -3.50
CA ARG B 157 -33.27 -9.99 -2.86
C ARG B 157 -33.01 -9.50 -1.42
N GLU B 158 -34.02 -8.86 -0.82
CA GLU B 158 -33.91 -8.27 0.52
C GLU B 158 -33.58 -9.33 1.57
N ILE B 159 -33.98 -10.56 1.27
CA ILE B 159 -33.64 -11.75 2.06
C ILE B 159 -32.12 -12.04 2.03
N ASP B 160 -31.44 -11.49 1.02
CA ASP B 160 -30.03 -11.78 0.75
C ASP B 160 -29.03 -10.84 1.44
N LEU B 161 -29.54 -9.92 2.27
CA LEU B 161 -28.71 -9.01 3.09
C LEU B 161 -29.43 -8.52 4.35
N ALA B 162 -28.68 -8.35 5.44
CA ALA B 162 -29.24 -7.97 6.74
C ALA B 162 -29.95 -6.61 6.73
N ARG B 163 -29.47 -5.68 5.90
CA ARG B 163 -29.96 -4.32 5.89
C ARG B 163 -30.47 -3.86 4.51
N PRO B 164 -31.61 -4.40 4.07
CA PRO B 164 -32.14 -4.12 2.73
C PRO B 164 -32.56 -2.66 2.49
N LYS B 165 -33.06 -1.97 3.51
CA LYS B 165 -33.62 -0.63 3.31
C LYS B 165 -32.58 0.49 3.22
N GLU B 166 -31.58 0.46 4.10
CA GLU B 166 -30.47 1.41 4.03
C GLU B 166 -29.55 1.24 2.83
N ASN B 167 -29.54 0.05 2.21
CA ASN B 167 -28.62 -0.22 1.11
C ASN B 167 -29.20 -0.13 -0.30
N SER B 168 -30.41 0.44 -0.40
CA SER B 168 -31.10 0.55 -1.68
C SER B 168 -30.42 1.54 -2.65
N ASN B 169 -29.55 2.39 -2.12
CA ASN B 169 -28.81 3.38 -2.91
C ASN B 169 -27.30 3.04 -3.00
N VAL B 170 -26.92 1.90 -2.43
CA VAL B 170 -25.54 1.40 -2.42
C VAL B 170 -25.33 0.28 -3.47
N SER B 171 -24.18 0.32 -4.18
CA SER B 171 -23.77 -0.78 -5.07
C SER B 171 -23.54 -2.05 -4.28
N GLY B 172 -24.17 -3.13 -4.75
CA GLY B 172 -24.31 -4.35 -3.99
C GLY B 172 -25.78 -4.66 -3.82
N PHE B 173 -26.62 -3.64 -3.97
CA PHE B 173 -28.07 -3.78 -3.83
C PHE B 173 -28.81 -2.65 -4.51
N LEU B 174 -28.29 -2.16 -5.63
CA LEU B 174 -29.02 -1.20 -6.43
C LEU B 174 -30.08 -1.91 -7.29
N PRO B 175 -31.21 -1.24 -7.59
CA PRO B 175 -32.19 -1.74 -8.56
C PRO B 175 -31.61 -2.19 -9.90
N VAL B 176 -30.66 -1.47 -10.48
CA VAL B 176 -30.05 -1.95 -11.73
C VAL B 176 -29.34 -3.31 -11.60
N GLU B 177 -28.80 -3.60 -10.43
CA GLU B 177 -27.95 -4.78 -10.23
C GLU B 177 -28.83 -5.99 -9.94
N ARG B 178 -29.72 -5.81 -8.96
CA ARG B 178 -30.76 -6.78 -8.62
C ARG B 178 -31.55 -7.16 -9.86
N ALA B 179 -31.88 -6.16 -10.69
CA ALA B 179 -32.67 -6.37 -11.89
C ALA B 179 -31.89 -7.13 -12.98
N TRP B 180 -30.56 -7.03 -12.97
CA TRP B 180 -29.74 -7.88 -13.84
C TRP B 180 -29.76 -9.37 -13.39
N ILE B 181 -29.78 -9.63 -12.09
CA ILE B 181 -29.91 -11.01 -11.61
C ILE B 181 -31.27 -11.64 -11.91
N ASP B 182 -32.36 -10.89 -11.72
CA ASP B 182 -33.69 -11.27 -12.24
C ASP B 182 -33.59 -11.66 -13.71
N LYS B 183 -32.91 -10.83 -14.51
CA LYS B 183 -32.81 -11.02 -15.95
C LYS B 183 -32.03 -12.31 -16.28
N PHE B 184 -30.93 -12.50 -15.54
CA PHE B 184 -30.08 -13.69 -15.65
C PHE B 184 -30.87 -14.98 -15.35
N ILE B 185 -31.48 -15.04 -14.18
CA ILE B 185 -32.38 -16.13 -13.80
C ILE B 185 -33.48 -16.42 -14.84
N GLU B 186 -34.11 -15.35 -15.33
CA GLU B 186 -35.14 -15.44 -16.35
C GLU B 186 -34.62 -15.86 -17.72
N ASN B 187 -33.31 -16.00 -17.85
CA ASN B 187 -32.69 -16.51 -19.08
C ASN B 187 -32.48 -18.02 -18.99
N GLY B 188 -32.90 -18.59 -17.86
CA GLY B 188 -32.91 -20.04 -17.68
C GLY B 188 -31.80 -20.54 -16.78
N TYR B 189 -31.57 -19.83 -15.69
CA TYR B 189 -30.54 -20.20 -14.74
C TYR B 189 -31.09 -20.15 -13.35
N VAL B 190 -30.47 -20.90 -12.46
CA VAL B 190 -31.01 -21.18 -11.15
C VAL B 190 -29.98 -20.89 -10.06
N ASP B 191 -30.36 -20.05 -9.11
CA ASP B 191 -29.63 -19.82 -7.88
C ASP B 191 -29.72 -21.08 -7.00
N THR B 192 -28.76 -22.00 -7.21
CA THR B 192 -28.78 -23.31 -6.57
C THR B 192 -28.96 -23.28 -5.06
N PHE B 193 -28.42 -22.28 -4.37
CA PHE B 193 -28.62 -22.22 -2.92
C PHE B 193 -30.11 -22.14 -2.52
N ARG B 194 -30.89 -21.33 -3.26
CA ARG B 194 -32.30 -21.10 -2.97
C ARG B 194 -33.22 -22.23 -3.44
N MET B 195 -32.62 -23.24 -4.09
CA MET B 195 -33.28 -24.52 -4.35
C MET B 195 -33.45 -25.27 -3.04
N PHE B 196 -32.52 -25.05 -2.11
CA PHE B 196 -32.50 -25.84 -0.89
C PHE B 196 -32.84 -25.02 0.34
N ASN B 197 -32.64 -23.71 0.28
CA ASN B 197 -32.69 -22.90 1.48
C ASN B 197 -33.27 -21.54 1.17
N SER B 198 -34.41 -21.26 1.79
CA SER B 198 -35.10 -19.98 1.66
C SER B 198 -35.17 -19.21 2.98
N ASP B 199 -34.28 -19.57 3.92
CA ASP B 199 -34.09 -18.84 5.17
C ASP B 199 -33.36 -17.52 4.96
N PRO B 200 -33.73 -16.48 5.75
CA PRO B 200 -32.97 -15.24 5.76
C PRO B 200 -31.75 -15.44 6.65
N GLY B 201 -30.99 -14.37 6.90
CA GLY B 201 -29.76 -14.47 7.70
C GLY B 201 -28.66 -15.32 7.07
N GLN B 202 -28.80 -15.67 5.80
CA GLN B 202 -27.83 -16.53 5.08
C GLN B 202 -26.88 -15.71 4.18
N TYR B 203 -25.70 -15.38 4.70
CA TYR B 203 -24.77 -14.49 4.01
C TYR B 203 -23.36 -15.08 3.77
N THR B 204 -22.65 -14.49 2.82
CA THR B 204 -21.37 -15.02 2.35
C THR B 204 -20.24 -13.98 2.48
N TRP B 205 -20.63 -12.72 2.69
CA TRP B 205 -19.71 -11.61 2.90
C TRP B 205 -20.19 -10.73 4.05
N TRP B 206 -19.21 -10.22 4.81
CA TRP B 206 -19.42 -9.27 5.90
C TRP B 206 -18.27 -8.26 5.90
N SER B 207 -18.58 -7.02 6.29
CA SER B 207 -17.57 -6.01 6.58
C SER B 207 -16.57 -6.43 7.67
N TYR B 208 -15.32 -5.97 7.50
CA TYR B 208 -14.29 -6.05 8.52
C TYR B 208 -14.61 -5.13 9.71
N ARG B 209 -15.13 -3.93 9.43
CA ARG B 209 -15.51 -2.98 10.49
C ARG B 209 -16.65 -3.47 11.38
N THR B 210 -16.84 -2.76 12.51
CA THR B 210 -18.03 -2.90 13.37
C THR B 210 -18.32 -4.35 13.77
N ARG B 211 -17.25 -5.16 13.84
CA ARG B 211 -17.35 -6.63 13.87
C ARG B 211 -18.61 -7.22 13.22
N ALA B 212 -18.81 -6.89 11.94
CA ALA B 212 -20.01 -7.26 11.18
C ALA B 212 -20.26 -8.77 11.07
N ARG B 213 -19.19 -9.56 11.08
CA ARG B 213 -19.32 -11.00 10.94
C ARG B 213 -19.89 -11.64 12.20
N GLU B 214 -19.41 -11.19 13.37
CA GLU B 214 -19.85 -11.72 14.67
C GLU B 214 -21.33 -11.40 14.93
N ARG B 215 -21.75 -10.20 14.56
CA ARG B 215 -23.17 -9.82 14.52
C ARG B 215 -23.99 -10.47 13.38
N ASN B 216 -23.33 -11.13 12.43
CA ASN B 216 -23.93 -11.65 11.20
C ASN B 216 -24.72 -10.63 10.37
N VAL B 217 -24.20 -9.42 10.31
CA VAL B 217 -24.79 -8.38 9.47
C VAL B 217 -24.04 -8.45 8.13
N GLY B 218 -24.55 -9.30 7.24
CA GLY B 218 -23.84 -9.66 6.04
C GLY B 218 -24.65 -9.54 4.76
N TRP B 219 -24.06 -10.00 3.67
CA TRP B 219 -24.68 -9.98 2.37
C TRP B 219 -24.38 -11.31 1.67
N ARG B 220 -25.36 -11.89 0.98
CA ARG B 220 -25.07 -13.02 0.09
C ARG B 220 -24.59 -12.48 -1.25
N LEU B 221 -23.27 -12.53 -1.47
CA LEU B 221 -22.63 -12.01 -2.68
C LEU B 221 -22.10 -13.12 -3.59
N ASP B 222 -21.91 -14.30 -3.03
CA ASP B 222 -21.29 -15.42 -3.76
C ASP B 222 -22.33 -16.49 -4.04
N TYR B 223 -22.36 -16.94 -5.30
CA TYR B 223 -23.41 -17.82 -5.80
C TYR B 223 -22.86 -19.03 -6.57
N PHE B 224 -23.65 -20.11 -6.59
CA PHE B 224 -23.53 -21.17 -7.63
C PHE B 224 -24.83 -21.16 -8.43
N PHE B 225 -24.72 -20.89 -9.74
CA PHE B 225 -25.83 -20.92 -10.70
C PHE B 225 -25.62 -22.08 -11.68
N VAL B 226 -26.71 -22.63 -12.20
CA VAL B 226 -26.68 -23.68 -13.25
C VAL B 226 -27.75 -23.31 -14.26
N ASN B 227 -27.58 -23.71 -15.53
CA ASN B 227 -28.71 -23.66 -16.45
C ASN B 227 -29.80 -24.61 -15.90
N GLU B 228 -31.07 -24.29 -16.13
CA GLU B 228 -32.17 -24.99 -15.43
C GLU B 228 -32.30 -26.48 -15.83
N GLU B 229 -31.91 -26.80 -17.07
CA GLU B 229 -31.89 -28.17 -17.57
C GLU B 229 -30.98 -29.09 -16.79
N PHE B 230 -30.09 -28.52 -15.97
CA PHE B 230 -29.03 -29.25 -15.28
C PHE B 230 -29.30 -29.34 -13.77
N LYS B 231 -30.29 -28.59 -13.29
CA LYS B 231 -30.56 -28.50 -11.86
C LYS B 231 -30.88 -29.81 -11.12
N GLY B 232 -31.42 -30.79 -11.85
CA GLY B 232 -31.71 -32.12 -11.29
C GLY B 232 -30.45 -32.83 -10.81
N LYS B 233 -29.33 -32.52 -11.47
CA LYS B 233 -28.01 -33.06 -11.10
C LYS B 233 -27.37 -32.41 -9.85
N VAL B 234 -27.96 -31.35 -9.33
CA VAL B 234 -27.43 -30.72 -8.08
C VAL B 234 -28.07 -31.24 -6.79
N LYS B 235 -27.25 -31.73 -5.87
CA LYS B 235 -27.71 -32.40 -4.65
C LYS B 235 -27.58 -31.52 -3.42
N ARG B 236 -26.53 -30.71 -3.42
CA ARG B 236 -26.17 -29.86 -2.30
C ARG B 236 -25.65 -28.56 -2.87
N SER B 237 -26.09 -27.46 -2.25
CA SER B 237 -25.57 -26.14 -2.52
C SER B 237 -25.60 -25.50 -1.17
N TRP B 238 -24.44 -25.30 -0.56
CA TRP B 238 -24.41 -24.73 0.80
C TRP B 238 -23.40 -23.61 0.98
N ILE B 239 -23.40 -23.02 2.17
CA ILE B 239 -22.46 -21.98 2.57
C ILE B 239 -21.63 -22.49 3.75
N LEU B 240 -20.31 -22.43 3.61
CA LEU B 240 -19.37 -22.87 4.62
C LEU B 240 -19.04 -21.68 5.51
N SER B 241 -20.02 -21.21 6.29
CA SER B 241 -19.95 -19.90 6.95
C SER B 241 -19.02 -19.78 8.16
N ASP B 242 -18.56 -20.93 8.66
CA ASP B 242 -17.63 -20.96 9.79
C ASP B 242 -16.17 -20.94 9.34
N VAL B 243 -15.96 -20.99 8.01
CA VAL B 243 -14.61 -20.94 7.45
C VAL B 243 -14.12 -19.51 7.35
N MET B 244 -13.07 -19.24 8.12
CA MET B 244 -12.52 -17.91 8.30
C MET B 244 -11.27 -17.70 7.46
N GLY B 245 -10.80 -16.45 7.40
CA GLY B 245 -9.57 -16.12 6.68
C GLY B 245 -9.71 -15.10 5.57
N SER B 246 -10.94 -14.68 5.30
CA SER B 246 -11.28 -13.70 4.25
C SER B 246 -12.54 -12.95 4.68
N ASP B 247 -12.84 -11.84 4.01
CA ASP B 247 -14.13 -11.14 4.25
C ASP B 247 -15.34 -11.89 3.66
N HIS B 248 -15.06 -12.86 2.76
CA HIS B 248 -16.06 -13.82 2.24
C HIS B 248 -15.83 -15.21 2.84
N CYS B 249 -16.89 -15.98 3.00
CA CYS B 249 -16.73 -17.40 3.34
C CYS B 249 -16.84 -18.24 2.05
N PRO B 250 -16.41 -19.52 2.09
CA PRO B 250 -16.60 -20.32 0.90
C PRO B 250 -18.04 -20.80 0.80
N ILE B 251 -18.40 -21.33 -0.38
CA ILE B 251 -19.71 -21.89 -0.63
C ILE B 251 -19.45 -23.20 -1.39
N GLY B 252 -20.35 -24.17 -1.27
CA GLY B 252 -20.12 -25.49 -1.86
C GLY B 252 -21.22 -25.98 -2.78
N LEU B 253 -20.85 -26.78 -3.77
CA LEU B 253 -21.80 -27.43 -4.64
C LEU B 253 -21.46 -28.93 -4.80
N GLU B 254 -22.51 -29.77 -4.80
CA GLU B 254 -22.38 -31.21 -5.07
C GLU B 254 -23.31 -31.63 -6.20
N ILE B 255 -22.78 -32.33 -7.21
CA ILE B 255 -23.55 -32.71 -8.40
C ILE B 255 -23.50 -34.19 -8.78
N GLU B 256 -24.45 -34.62 -9.62
CA GLU B 256 -24.62 -35.98 -10.15
C GLU B 256 -24.45 -37.11 -9.13
C1 GOL E . 29.14 11.37 -6.02
O1 GOL E . 29.61 12.66 -5.71
C2 GOL E . 29.91 10.84 -7.22
O2 GOL E . 30.88 9.92 -6.77
C3 GOL E . 28.98 10.16 -8.23
O3 GOL E . 28.02 11.06 -8.75
C1 GOL F . 13.34 33.26 12.88
O1 GOL F . 14.12 32.59 11.91
C2 GOL F . 12.58 32.33 13.85
O2 GOL F . 11.59 31.62 13.14
C3 GOL F . 11.89 33.14 14.97
O3 GOL F . 12.70 33.41 16.10
C1 GOL G . 25.14 16.12 13.19
O1 GOL G . 25.12 17.30 12.43
C2 GOL G . 23.76 15.57 13.59
O2 GOL G . 23.58 14.26 13.11
C3 GOL G . 23.50 15.56 15.10
O3 GOL G . 22.39 16.36 15.43
C1 GOL H . 9.95 19.21 -4.25
O1 GOL H . 9.12 19.06 -5.38
C2 GOL H . 11.38 19.69 -4.54
O2 GOL H . 11.60 20.62 -3.52
C3 GOL H . 12.49 18.64 -4.35
O3 GOL H . 12.52 17.49 -5.20
C1 GOL I . 33.21 18.88 11.92
O1 GOL I . 32.57 18.62 13.14
C2 GOL I . 32.94 17.78 10.88
O2 GOL I . 33.35 18.21 9.59
C3 GOL I . 33.56 16.43 11.29
O3 GOL I . 33.27 15.42 10.37
C1 GOL J . 5.88 2.83 14.48
O1 GOL J . 6.15 2.02 15.60
C2 GOL J . 6.42 4.27 14.60
O2 GOL J . 7.12 4.44 15.82
C3 GOL J . 7.35 4.60 13.44
O3 GOL J . 6.72 5.27 12.37
C1 GOL K . 36.25 9.21 6.38
O1 GOL K . 36.07 10.25 7.34
C2 GOL K . 34.90 8.69 5.86
O2 GOL K . 34.23 8.13 6.96
C3 GOL K . 35.06 7.58 4.84
O3 GOL K . 35.32 8.06 3.53
C1 GOL L . 17.25 17.26 24.78
O1 GOL L . 18.00 16.19 24.22
C2 GOL L . 16.00 17.57 23.95
O2 GOL L . 15.86 18.96 23.72
C3 GOL L . 14.72 16.98 24.56
O3 GOL L . 14.36 15.74 23.95
C1 GOL M . 34.80 24.97 -4.20
O1 GOL M . 34.30 24.40 -3.00
C2 GOL M . 33.69 25.69 -4.96
O2 GOL M . 33.92 27.09 -4.92
C3 GOL M . 33.61 25.25 -6.42
O3 GOL M . 33.82 23.87 -6.59
O1 PG4 N . 6.70 19.73 -7.45
C1 PG4 N . 5.31 19.59 -7.76
C2 PG4 N . 4.59 18.87 -6.62
O2 PG4 N . 3.25 19.39 -6.41
C3 PG4 N . 2.25 18.34 -6.53
C4 PG4 N . 1.29 18.30 -5.33
O3 PG4 N . 1.18 16.98 -4.75
C5 PG4 N . 0.17 16.22 -5.42
C6 PG4 N . 0.08 14.83 -4.85
O4 PG4 N . -1.30 14.40 -4.93
C7 PG4 N . -1.88 14.31 -3.58
C8 PG4 N . -3.29 14.88 -3.48
O5 PG4 N . -3.49 15.44 -2.18
O1 PG4 O . 0.62 29.42 8.25
C1 PG4 O . -0.56 29.14 7.49
C2 PG4 O . -1.75 29.96 8.03
O2 PG4 O . -2.05 29.58 9.41
C3 PG4 O . -1.85 30.67 10.32
C4 PG4 O . -0.57 30.70 11.16
O3 PG4 O . -0.02 32.06 11.10
C5 PG4 O . 0.71 32.45 12.29
C6 PG4 O . -0.07 32.15 13.57
O4 PG4 O . 0.28 33.09 14.60
C7 PG4 O . -0.73 34.15 14.70
C8 PG4 O . -0.13 35.57 14.81
O5 PG4 O . 0.42 36.01 13.55
O1 PG4 P . 5.05 8.91 20.09
C1 PG4 P . 5.07 7.89 21.09
C2 PG4 P . 5.23 8.48 22.51
O2 PG4 P . 6.24 7.77 23.34
C3 PG4 P . 6.81 8.61 24.41
C4 PG4 P . 8.21 9.16 24.04
O3 PG4 P . 8.29 10.60 23.70
C5 PG4 P . 8.06 10.96 22.32
C6 PG4 P . 6.72 11.70 22.13
O4 PG4 P . 6.78 12.98 21.44
C7 PG4 P . 6.62 12.93 20.00
C8 PG4 P . 5.33 12.28 19.49
O5 PG4 P . 5.29 12.41 18.06
C1 GOL Q . -24.29 -22.07 -3.23
O1 GOL Q . -23.40 -23.08 -2.79
C2 GOL Q . -24.17 -20.80 -2.39
O2 GOL Q . -24.49 -21.04 -1.04
C3 GOL Q . -25.02 -19.64 -2.95
O3 GOL Q . -25.07 -18.58 -2.02
C1 GOL R . -29.21 -2.62 -17.83
O1 GOL R . -29.69 -1.28 -17.86
C2 GOL R . -27.81 -2.75 -17.20
O2 GOL R . -26.75 -2.54 -18.15
C3 GOL R . -27.68 -4.13 -16.52
O3 GOL R . -27.48 -5.14 -17.49
C1 GOL S . -2.08 -34.64 -11.00
O1 GOL S . -1.36 -33.43 -10.88
C2 GOL S . -3.44 -34.40 -11.66
O2 GOL S . -4.42 -34.45 -10.65
C3 GOL S . -3.74 -35.47 -12.71
O3 GOL S . -3.41 -35.01 -14.01
NA NA T . 1.45 -1.97 3.97
NA NA U . -2.73 -0.53 4.14
#